data_8ZPP
#
_entry.id   8ZPP
#
_cell.length_a   1.00
_cell.length_b   1.00
_cell.length_c   1.00
_cell.angle_alpha   90.00
_cell.angle_beta   90.00
_cell.angle_gamma   90.00
#
_symmetry.space_group_name_H-M   'P 1'
#
loop_
_entity.id
_entity.type
_entity.pdbx_description
1 polymer 'Spike glycoprotein,Fibritin'
2 polymer 'variable heavy chain of ORB10 Fab'
3 polymer 'variable light chain of ORB10 Fab'
#
loop_
_entity_poly.entity_id
_entity_poly.type
_entity_poly.pdbx_seq_one_letter_code
_entity_poly.pdbx_strand_id
1 'polypeptide(L)'
;MFVFLVLLPLVSSQCVNLITRTQSYTNSFTRGVYYPDKVFRSSVLHSTQDLFLPFFSNVTWFHAISGTNGTKRFDNPVLP
FNDGVYFASTEKSNIIRGWIFGTTLDSKTQSLLIVNNATNVVIKVCEFQFCNDPFLDVYYHKNNKSWMESEFRVYSSANN
CTFEYVSQPFLMDLEGKQGNFKNLREFVFKNIDGYFKIYSKHTPINLGRDLPQGFSALEPLVDLPIGINITRFQTLLALH
RSYLTPGDSSSGWTAGAAAYYVGYLQPRTFLLKYNENGTITDAVDCALDPLSETKCTLKSFTVEKGIYQTSNFRVQPTES
IVRFPNITNLCPFDEVFNATRFASVYAWNRKRISNCVADYSVLYNFAPFFAFKCYGVSPTKLNDLCFTNVYADSFVIRGN
EVSQIAPGQTGNIADYNYKLPDDFTGCVIAWNSNKLDSKVGGNYNYRYRLFRKSNLKPFERDISTEIYQAGNKPCNGVAG
VNCYFPLQSYGFRPTYGVGHQPYRVVVLSFELLHAPATVCGPKKSTNLVKNKCVNFNFNGLTGTGVLTESNKKFLPFQQF
GRDIADTTDAVRDPQTLEILDITPCSFGGVSVITPGTNTSNQVAVLYQGVNCTEVPVAIHADQLTPTWRVYSTGSNVFQT
RAGCLIGAEYVNNSYECDIPIGAGICASYQTQTKSHGSASSVASQSIIAYTMSLGAENSVAYSNNSIAIPTNFTISVTTE
ILPVSMTKTSVDCTMYICGDSTECSNLLLQYGSFCTQLKRALTGIAVEQDKNTQEVFAQVKQIYKTPPIKYFGGFNFSQI
LPDPSKPSKRSPIEDLLFNKVTLADAGFIKQYGDCLGDIAARDLICAQKFNGLTVLPPLLTDEMIAQYTSALLAGTITSG
WTFGAGPALQIPFPMQMAYRFNGIGVTQNVLYENQKLIANQFNSAIGKIQDSLSSTPSALGKLQDVVNHNAQALNTLVKQ
LSSKFGAISSVLNDILSRLDPPEAEVQIDRLITGRLQSLQTYVTQQLIRAAEIRASANLAATKMSECVLGQSKRVDFCGK
GYHLMSFPQSAPHGVVFLHVTYVPAQEKNFTTAPAICHDGKAHFPREGVFVSNGTHWFVTQRNFYEPQIITTDNTFVSGN
CDVVIGIVNNTVYDPLQPELDSFKEELDKYFKNHTSPDVDLGDISGINASVVNIQKEIDRLNEVAKNLNESLIDLQELGK
YEQGSGYIPEAPRDGQAYVRKDGEWVLLSTFLGRSLEVLFQGPGGGGGSGGGGSHHHHHH
;
A
2 'polypeptide(L)'
;QVQLQQSGAELVRPGSSVKISCKASGYAFSNYWMNWVKQRPGEGLEWIGQIYPGDGDTDYNGKFKGRATLTADKSSSTAY
MQLSSLTSEDSAVYFCARGDDGYYVYFDYWGQGTTLTVS
;
H
3 'polypeptide(L)'
;EIVLTQSPALMAASPGEKVTITCSVSSSIGSNNLHWYQQKSETSPKPWIYGTSNLASGVPVRFSGSGSGTSYSLTISTME
AEDAATYYCQQWSGYPLTFGGGTKLEIK
;
L
#
# COMPACT_ATOMS: atom_id res chain seq x y z
N LEU A 330 -31.62 -14.90 -18.08
CA LEU A 330 -30.22 -14.86 -17.68
C LEU A 330 -29.95 -13.58 -16.88
N CYS A 331 -29.44 -13.75 -15.66
CA CYS A 331 -29.24 -12.62 -14.78
C CYS A 331 -28.21 -11.66 -15.36
N PRO A 332 -28.31 -10.38 -15.05
CA PRO A 332 -27.38 -9.39 -15.64
C PRO A 332 -25.97 -9.49 -15.05
N PHE A 333 -25.37 -10.66 -15.19
CA PHE A 333 -23.93 -10.77 -14.96
C PHE A 333 -23.15 -10.09 -16.07
N ASP A 334 -23.80 -9.86 -17.21
CA ASP A 334 -23.17 -9.07 -18.26
C ASP A 334 -22.94 -7.64 -17.80
N GLU A 335 -23.96 -7.01 -17.24
CA GLU A 335 -23.82 -5.61 -16.86
C GLU A 335 -22.82 -5.45 -15.73
N VAL A 336 -22.84 -6.35 -14.74
CA VAL A 336 -21.96 -6.20 -13.59
C VAL A 336 -20.50 -6.43 -13.98
N PHE A 337 -20.23 -7.50 -14.71
CA PHE A 337 -18.84 -7.86 -14.97
C PHE A 337 -18.26 -7.06 -16.13
N ASN A 338 -19.09 -6.62 -17.06
CA ASN A 338 -18.63 -5.89 -18.24
C ASN A 338 -18.93 -4.41 -18.15
N ALA A 339 -18.90 -3.83 -16.95
CA ALA A 339 -19.15 -2.40 -16.81
C ALA A 339 -18.05 -1.58 -17.45
N THR A 340 -18.43 -0.46 -18.06
CA THR A 340 -17.43 0.42 -18.67
C THR A 340 -16.49 1.00 -17.62
N ARG A 341 -17.03 1.43 -16.48
CA ARG A 341 -16.23 2.00 -15.40
C ARG A 341 -16.82 1.58 -14.08
N PHE A 342 -16.04 0.86 -13.27
CA PHE A 342 -16.53 0.41 -11.98
C PHE A 342 -16.56 1.55 -10.98
N ALA A 343 -17.27 1.31 -9.88
CA ALA A 343 -17.39 2.32 -8.85
C ALA A 343 -16.17 2.28 -7.92
N SER A 344 -15.87 3.42 -7.34
CA SER A 344 -14.82 3.49 -6.33
C SER A 344 -15.22 2.66 -5.12
N VAL A 345 -14.22 2.21 -4.36
CA VAL A 345 -14.51 1.30 -3.25
C VAL A 345 -15.24 2.02 -2.12
N TYR A 346 -14.93 3.30 -1.91
CA TYR A 346 -15.55 4.00 -0.79
C TYR A 346 -17.06 4.10 -0.96
N ALA A 347 -17.52 4.18 -2.21
CA ALA A 347 -18.93 4.11 -2.53
C ALA A 347 -19.14 2.99 -3.54
N TRP A 348 -19.24 1.76 -3.04
CA TRP A 348 -19.38 0.62 -3.93
C TRP A 348 -20.84 0.42 -4.31
N ASN A 349 -21.07 0.14 -5.58
CA ASN A 349 -22.42 -0.04 -6.10
C ASN A 349 -22.88 -1.45 -5.81
N ARG A 350 -23.98 -1.57 -5.09
CA ARG A 350 -24.61 -2.86 -4.81
C ARG A 350 -25.76 -3.08 -5.79
N LYS A 351 -25.69 -4.19 -6.51
CA LYS A 351 -26.73 -4.58 -7.44
C LYS A 351 -27.38 -5.85 -6.93
N ARG A 352 -28.60 -5.73 -6.40
CA ARG A 352 -29.36 -6.86 -5.91
C ARG A 352 -30.11 -7.47 -7.09
N ILE A 353 -29.72 -8.66 -7.49
CA ILE A 353 -30.29 -9.34 -8.64
C ILE A 353 -31.15 -10.49 -8.15
N SER A 354 -32.39 -10.52 -8.63
CA SER A 354 -33.32 -11.60 -8.35
C SER A 354 -34.34 -11.63 -9.47
N ASN A 355 -35.25 -12.60 -9.39
CA ASN A 355 -36.29 -12.85 -10.38
C ASN A 355 -35.68 -13.23 -11.71
N CYS A 356 -34.44 -13.72 -11.72
CA CYS A 356 -33.76 -14.10 -12.95
C CYS A 356 -33.02 -15.41 -12.75
N VAL A 357 -32.82 -16.11 -13.86
CA VAL A 357 -32.00 -17.31 -13.86
C VAL A 357 -30.54 -16.91 -13.90
N ALA A 358 -29.75 -17.43 -12.96
CA ALA A 358 -28.34 -17.09 -12.86
C ALA A 358 -27.50 -18.28 -13.28
N ASP A 359 -26.62 -18.08 -14.25
CA ASP A 359 -25.67 -19.08 -14.68
C ASP A 359 -24.28 -18.61 -14.29
N TYR A 360 -23.56 -19.46 -13.56
CA TYR A 360 -22.23 -19.13 -13.11
C TYR A 360 -21.14 -19.69 -14.01
N SER A 361 -21.52 -20.33 -15.12
CA SER A 361 -20.53 -20.58 -16.16
C SER A 361 -20.14 -19.29 -16.86
N VAL A 362 -20.95 -18.25 -16.71
CA VAL A 362 -20.64 -16.97 -17.33
C VAL A 362 -19.45 -16.32 -16.64
N LEU A 363 -19.26 -16.61 -15.34
CA LEU A 363 -18.10 -16.09 -14.64
C LEU A 363 -16.82 -16.58 -15.29
N TYR A 364 -16.69 -17.90 -15.45
CA TYR A 364 -15.39 -18.49 -15.78
C TYR A 364 -14.87 -17.99 -17.12
N ASN A 365 -15.73 -17.94 -18.12
CA ASN A 365 -15.28 -17.52 -19.45
C ASN A 365 -14.95 -16.03 -19.46
N PHE A 366 -15.63 -15.25 -18.63
CA PHE A 366 -15.59 -13.80 -18.80
C PHE A 366 -14.22 -13.20 -18.53
N ALA A 367 -13.62 -13.52 -17.38
CA ALA A 367 -12.44 -12.76 -16.98
C ALA A 367 -11.35 -13.66 -16.39
N PRO A 368 -10.08 -13.22 -16.44
CA PRO A 368 -8.98 -14.08 -15.95
C PRO A 368 -9.04 -14.43 -14.49
N PHE A 369 -9.72 -13.63 -13.65
CA PHE A 369 -9.99 -13.97 -12.25
C PHE A 369 -8.71 -14.21 -11.47
N PHE A 370 -7.98 -13.13 -11.20
CA PHE A 370 -6.78 -13.23 -10.37
C PHE A 370 -7.06 -13.97 -9.07
N ALA A 371 -8.18 -13.68 -8.42
CA ALA A 371 -8.62 -14.38 -7.23
C ALA A 371 -10.10 -14.65 -7.33
N PHE A 372 -10.49 -15.92 -7.17
CA PHE A 372 -11.88 -16.32 -7.14
C PHE A 372 -12.09 -17.22 -5.94
N LYS A 373 -12.58 -16.66 -4.85
CA LYS A 373 -12.76 -17.40 -3.61
C LYS A 373 -14.22 -17.34 -3.21
N CYS A 374 -14.80 -18.51 -2.92
CA CYS A 374 -16.18 -18.62 -2.48
C CYS A 374 -16.18 -19.14 -1.05
N TYR A 375 -16.91 -18.46 -0.17
CA TYR A 375 -16.96 -18.79 1.25
C TYR A 375 -18.31 -19.40 1.57
N GLY A 376 -18.30 -20.57 2.20
CA GLY A 376 -19.51 -21.20 2.64
C GLY A 376 -20.34 -21.83 1.55
N VAL A 377 -19.85 -21.86 0.31
CA VAL A 377 -20.58 -22.40 -0.82
C VAL A 377 -19.61 -23.17 -1.70
N SER A 378 -20.06 -24.30 -2.23
CA SER A 378 -19.31 -24.95 -3.28
C SER A 378 -19.33 -24.08 -4.54
N PRO A 379 -18.18 -23.83 -5.16
CA PRO A 379 -18.22 -23.12 -6.45
C PRO A 379 -19.03 -23.87 -7.48
N THR A 380 -19.07 -25.19 -7.38
CA THR A 380 -19.87 -26.00 -8.29
C THR A 380 -21.36 -25.85 -8.01
N LYS A 381 -21.76 -25.91 -6.74
CA LYS A 381 -23.17 -25.88 -6.37
C LYS A 381 -23.80 -24.51 -6.59
N LEU A 382 -23.03 -23.53 -7.06
CA LEU A 382 -23.63 -22.24 -7.41
C LEU A 382 -24.64 -22.41 -8.53
N ASN A 383 -24.32 -23.24 -9.53
CA ASN A 383 -25.20 -23.39 -10.68
C ASN A 383 -26.51 -24.06 -10.30
N ASP A 384 -26.48 -24.99 -9.34
CA ASP A 384 -27.64 -25.80 -9.01
C ASP A 384 -28.32 -25.40 -7.72
N LEU A 385 -28.06 -24.21 -7.18
CA LEU A 385 -28.65 -23.79 -5.92
C LEU A 385 -29.53 -22.57 -6.11
N CYS A 386 -30.55 -22.42 -5.25
CA CYS A 386 -31.56 -21.39 -5.38
C CYS A 386 -31.40 -20.34 -4.28
N PHE A 387 -31.48 -19.06 -4.66
CA PHE A 387 -31.30 -17.94 -3.74
C PHE A 387 -32.32 -16.86 -4.07
N THR A 388 -32.87 -16.23 -3.02
CA THR A 388 -33.91 -15.23 -3.25
C THR A 388 -33.32 -13.88 -3.65
N ASN A 389 -32.18 -13.51 -3.06
CA ASN A 389 -31.52 -12.26 -3.40
C ASN A 389 -30.04 -12.50 -3.55
N VAL A 390 -29.49 -12.08 -4.69
CA VAL A 390 -28.07 -12.16 -4.97
C VAL A 390 -27.54 -10.73 -5.03
N TYR A 391 -26.57 -10.44 -4.19
CA TYR A 391 -25.99 -9.10 -4.09
C TYR A 391 -24.67 -9.09 -4.82
N ALA A 392 -24.50 -8.15 -5.74
CA ALA A 392 -23.23 -7.95 -6.42
C ALA A 392 -22.65 -6.62 -5.96
N ASP A 393 -21.53 -6.67 -5.26
CA ASP A 393 -20.83 -5.48 -4.80
C ASP A 393 -19.59 -5.29 -5.66
N SER A 394 -19.60 -4.25 -6.48
CA SER A 394 -18.55 -4.04 -7.47
C SER A 394 -17.72 -2.82 -7.10
N PHE A 395 -16.40 -2.99 -7.03
CA PHE A 395 -15.51 -1.87 -6.75
C PHE A 395 -14.11 -2.21 -7.23
N VAL A 396 -13.25 -1.18 -7.26
CA VAL A 396 -11.87 -1.30 -7.72
C VAL A 396 -10.95 -1.12 -6.52
N ILE A 397 -10.08 -2.10 -6.30
CA ILE A 397 -9.07 -2.01 -5.25
C ILE A 397 -7.74 -2.51 -5.79
N ARG A 398 -6.66 -2.03 -5.20
CA ARG A 398 -5.33 -2.50 -5.56
C ARG A 398 -5.16 -3.95 -5.14
N GLY A 399 -4.29 -4.67 -5.84
CA GLY A 399 -4.21 -6.11 -5.66
C GLY A 399 -3.86 -6.51 -4.24
N ASN A 400 -3.05 -5.70 -3.56
CA ASN A 400 -2.68 -6.02 -2.18
C ASN A 400 -3.88 -5.95 -1.26
N GLU A 401 -4.92 -5.20 -1.64
CA GLU A 401 -6.09 -5.07 -0.80
C GLU A 401 -7.21 -6.02 -1.20
N VAL A 402 -7.00 -6.88 -2.19
CA VAL A 402 -8.01 -7.88 -2.52
C VAL A 402 -8.12 -8.91 -1.41
N SER A 403 -6.99 -9.28 -0.81
CA SER A 403 -7.02 -10.24 0.28
C SER A 403 -7.77 -9.69 1.49
N GLN A 404 -8.00 -8.37 1.52
CA GLN A 404 -8.77 -7.80 2.62
C GLN A 404 -10.25 -8.14 2.47
N ILE A 405 -10.70 -8.41 1.25
CA ILE A 405 -12.10 -8.70 0.98
C ILE A 405 -12.38 -10.16 1.31
N ALA A 406 -12.75 -10.43 2.55
CA ALA A 406 -13.01 -11.78 3.03
C ALA A 406 -13.49 -11.68 4.47
N PRO A 407 -14.32 -12.63 4.92
CA PRO A 407 -14.66 -12.67 6.34
C PRO A 407 -13.42 -12.91 7.18
N GLY A 408 -13.37 -12.24 8.33
CA GLY A 408 -12.27 -12.40 9.26
C GLY A 408 -11.03 -11.61 8.92
N GLN A 409 -11.07 -10.74 7.91
CA GLN A 409 -9.91 -9.94 7.52
C GLN A 409 -10.12 -8.49 7.95
N THR A 410 -9.09 -7.92 8.56
CA THR A 410 -9.08 -6.52 8.98
C THR A 410 -7.93 -5.81 8.31
N GLY A 411 -8.18 -4.60 7.83
CA GLY A 411 -7.17 -3.81 7.16
C GLY A 411 -7.71 -2.43 6.88
N ASN A 412 -7.28 -1.88 5.75
CA ASN A 412 -7.82 -0.60 5.31
C ASN A 412 -9.19 -0.78 4.67
N ILE A 413 -9.26 -1.55 3.59
CA ILE A 413 -10.53 -1.76 2.90
C ILE A 413 -11.53 -2.47 3.81
N ALA A 414 -11.09 -3.56 4.44
CA ALA A 414 -12.00 -4.38 5.24
C ALA A 414 -12.59 -3.59 6.41
N ASP A 415 -11.76 -2.80 7.10
CA ASP A 415 -12.28 -2.08 8.25
C ASP A 415 -13.08 -0.86 7.84
N TYR A 416 -12.65 -0.14 6.80
CA TYR A 416 -13.15 1.20 6.57
C TYR A 416 -14.09 1.30 5.37
N ASN A 417 -13.82 0.60 4.28
CA ASN A 417 -14.54 0.87 3.05
C ASN A 417 -15.60 -0.18 2.76
N TYR A 418 -15.24 -1.45 2.88
CA TYR A 418 -16.17 -2.53 2.57
C TYR A 418 -15.84 -3.72 3.47
N LYS A 419 -16.82 -4.16 4.25
CA LYS A 419 -16.58 -5.24 5.21
C LYS A 419 -17.58 -6.36 4.99
N LEU A 420 -17.12 -7.59 5.21
CA LEU A 420 -17.94 -8.78 5.07
C LEU A 420 -18.29 -9.33 6.44
N PRO A 421 -19.47 -9.92 6.61
CA PRO A 421 -19.83 -10.49 7.91
C PRO A 421 -18.96 -11.70 8.23
N ASP A 422 -19.12 -12.20 9.46
CA ASP A 422 -18.33 -13.34 9.90
C ASP A 422 -18.67 -14.59 9.10
N ASP A 423 -19.95 -14.83 8.84
CA ASP A 423 -20.40 -16.00 8.10
C ASP A 423 -20.78 -15.67 6.67
N PHE A 424 -20.08 -14.75 6.03
CA PHE A 424 -20.42 -14.33 4.68
C PHE A 424 -20.44 -15.54 3.74
N THR A 425 -21.57 -15.72 3.05
CA THR A 425 -21.76 -16.81 2.13
C THR A 425 -21.90 -16.23 0.72
N GLY A 426 -20.86 -16.38 -0.08
CA GLY A 426 -20.86 -15.83 -1.42
C GLY A 426 -19.49 -16.03 -2.04
N CYS A 427 -19.34 -15.50 -3.24
CA CYS A 427 -18.10 -15.64 -3.99
C CYS A 427 -17.46 -14.27 -4.20
N VAL A 428 -16.19 -14.16 -3.84
CA VAL A 428 -15.40 -12.95 -4.04
C VAL A 428 -14.59 -13.13 -5.31
N ILE A 429 -14.80 -12.25 -6.27
CA ILE A 429 -14.25 -12.40 -7.61
C ILE A 429 -13.43 -11.17 -7.94
N ALA A 430 -12.17 -11.37 -8.32
CA ALA A 430 -11.23 -10.28 -8.52
C ALA A 430 -10.36 -10.57 -9.72
N TRP A 431 -10.30 -9.63 -10.66
CA TRP A 431 -9.41 -9.75 -11.82
C TRP A 431 -8.69 -8.43 -12.06
N ASN A 432 -7.43 -8.53 -12.50
CA ASN A 432 -6.63 -7.36 -12.79
C ASN A 432 -7.23 -6.58 -13.94
N SER A 433 -7.14 -5.24 -13.85
CA SER A 433 -7.64 -4.36 -14.89
C SER A 433 -6.63 -3.29 -15.27
N ASN A 434 -5.35 -3.64 -15.37
CA ASN A 434 -4.32 -2.61 -15.52
C ASN A 434 -4.47 -1.87 -16.84
N LYS A 435 -4.74 -2.58 -17.93
CA LYS A 435 -4.85 -1.91 -19.22
C LYS A 435 -6.15 -1.11 -19.31
N LEU A 436 -7.05 -1.31 -18.34
CA LEU A 436 -8.34 -0.63 -18.41
C LEU A 436 -8.41 0.54 -17.44
N ASP A 437 -8.12 0.31 -16.17
CA ASP A 437 -8.43 1.27 -15.11
C ASP A 437 -7.25 2.15 -14.71
N SER A 438 -6.10 2.01 -15.35
CA SER A 438 -4.93 2.81 -15.01
C SER A 438 -4.55 3.67 -16.20
N LYS A 439 -4.36 4.96 -15.96
CA LYS A 439 -4.00 5.93 -16.99
C LYS A 439 -2.55 6.33 -16.80
N VAL A 440 -1.88 6.67 -17.90
CA VAL A 440 -0.43 6.85 -17.88
C VAL A 440 -0.03 8.00 -16.96
N GLY A 441 -0.71 9.14 -17.07
CA GLY A 441 -0.42 10.23 -16.16
C GLY A 441 -0.81 9.90 -14.73
N GLY A 442 -1.96 9.28 -14.56
CA GLY A 442 -2.48 8.95 -13.25
C GLY A 442 -3.99 8.92 -13.28
N ASN A 443 -4.53 8.02 -12.48
CA ASN A 443 -5.98 7.82 -12.40
C ASN A 443 -6.41 8.16 -10.98
N TYR A 444 -6.90 9.38 -10.79
CA TYR A 444 -7.33 9.83 -9.49
C TYR A 444 -8.82 9.68 -9.27
N ASN A 445 -9.53 9.03 -10.20
CA ASN A 445 -10.97 8.83 -10.02
C ASN A 445 -11.25 7.90 -8.85
N TYR A 446 -10.50 6.82 -8.73
CA TYR A 446 -10.80 5.80 -7.74
C TYR A 446 -10.21 6.16 -6.39
N ARG A 447 -11.07 6.15 -5.37
CA ARG A 447 -10.70 6.63 -4.05
C ARG A 447 -11.04 5.55 -3.04
N TYR A 448 -10.50 5.69 -1.85
CA TYR A 448 -10.88 4.83 -0.73
C TYR A 448 -10.87 5.64 0.55
N ARG A 449 -11.56 5.13 1.57
CA ARG A 449 -11.72 5.83 2.83
C ARG A 449 -10.51 5.54 3.70
N LEU A 450 -9.63 6.53 3.82
CA LEU A 450 -8.38 6.29 4.52
C LEU A 450 -8.55 6.42 6.02
N PHE A 451 -9.41 7.32 6.47
CA PHE A 451 -9.64 7.58 7.89
C PHE A 451 -11.11 7.44 8.20
N ARG A 452 -11.43 6.74 9.28
CA ARG A 452 -12.81 6.62 9.74
C ARG A 452 -12.82 6.37 11.23
N LYS A 453 -13.82 6.92 11.91
CA LYS A 453 -13.87 6.80 13.37
C LYS A 453 -14.12 5.36 13.79
N SER A 454 -15.08 4.69 13.16
CA SER A 454 -15.49 3.36 13.54
C SER A 454 -15.37 2.41 12.36
N ASN A 455 -14.90 1.20 12.61
CA ASN A 455 -14.86 0.21 11.54
C ASN A 455 -16.27 -0.13 11.11
N LEU A 456 -16.45 -0.30 9.80
CA LEU A 456 -17.78 -0.52 9.25
C LEU A 456 -18.41 -1.76 9.85
N LYS A 457 -19.72 -1.69 10.11
CA LYS A 457 -20.48 -2.91 10.30
C LYS A 457 -20.62 -3.61 8.95
N PRO A 458 -20.78 -4.93 8.95
CA PRO A 458 -20.67 -5.68 7.70
C PRO A 458 -21.65 -5.19 6.64
N PHE A 459 -21.15 -5.14 5.40
CA PHE A 459 -21.87 -4.77 4.19
C PHE A 459 -22.31 -3.31 4.17
N GLU A 460 -21.82 -2.48 5.09
CA GLU A 460 -22.28 -1.10 5.13
C GLU A 460 -21.55 -0.25 4.10
N ARG A 461 -22.11 0.92 3.83
CA ARG A 461 -21.57 1.86 2.88
C ARG A 461 -21.47 3.23 3.54
N ASP A 462 -20.31 3.87 3.39
CA ASP A 462 -20.03 5.16 4.02
C ASP A 462 -19.52 6.11 2.97
N ILE A 463 -20.32 7.14 2.66
CA ILE A 463 -19.94 8.15 1.68
C ILE A 463 -19.86 9.54 2.30
N SER A 464 -19.94 9.63 3.62
CA SER A 464 -19.73 10.91 4.28
C SER A 464 -18.28 11.34 4.16
N THR A 465 -18.06 12.57 3.70
CA THR A 465 -16.71 13.07 3.45
C THR A 465 -16.32 14.20 4.39
N GLU A 466 -16.92 14.29 5.56
CA GLU A 466 -16.54 15.32 6.51
C GLU A 466 -15.12 15.07 6.99
N ILE A 467 -14.38 16.16 7.22
CA ILE A 467 -12.96 16.06 7.53
C ILE A 467 -12.78 15.34 8.85
N TYR A 468 -11.87 14.38 8.88
CA TYR A 468 -11.71 13.52 10.05
C TYR A 468 -11.18 14.33 11.24
N GLN A 469 -11.86 14.20 12.38
CA GLN A 469 -11.54 14.99 13.56
C GLN A 469 -10.36 14.34 14.30
N ALA A 470 -9.30 14.08 13.53
CA ALA A 470 -8.13 13.44 14.12
C ALA A 470 -7.49 14.34 15.16
N GLY A 471 -7.38 15.63 14.88
CA GLY A 471 -6.76 16.54 15.83
C GLY A 471 -7.66 16.78 17.03
N ASN A 472 -7.04 17.16 18.14
CA ASN A 472 -7.80 17.51 19.34
C ASN A 472 -8.74 18.67 19.05
N LYS A 473 -8.27 19.66 18.29
CA LYS A 473 -9.14 20.74 17.89
C LYS A 473 -10.29 20.18 17.07
N PRO A 474 -11.52 20.61 17.35
CA PRO A 474 -12.63 20.26 16.44
C PRO A 474 -12.31 20.78 15.04
N CYS A 475 -12.43 19.89 14.05
CA CYS A 475 -11.86 20.19 12.75
C CYS A 475 -12.61 21.31 12.05
N ASN A 476 -13.88 21.49 12.38
CA ASN A 476 -14.69 22.60 11.84
C ASN A 476 -14.73 22.58 10.32
N GLY A 477 -14.76 21.38 9.75
CA GLY A 477 -14.90 21.21 8.32
C GLY A 477 -13.79 21.84 7.51
N VAL A 478 -12.54 21.74 7.98
CA VAL A 478 -11.39 22.28 7.27
C VAL A 478 -10.36 21.17 7.12
N ALA A 479 -9.71 21.14 5.97
CA ALA A 479 -8.72 20.12 5.66
C ALA A 479 -7.32 20.70 5.80
N GLY A 480 -6.51 20.08 6.64
CA GLY A 480 -5.15 20.55 6.84
C GLY A 480 -4.42 19.67 7.83
N VAL A 481 -3.43 20.28 8.49
CA VAL A 481 -2.71 19.57 9.54
C VAL A 481 -3.68 19.27 10.68
N ASN A 482 -3.65 18.04 11.17
CA ASN A 482 -4.51 17.45 12.19
C ASN A 482 -5.92 17.18 11.67
N CYS A 483 -6.25 17.59 10.45
CA CYS A 483 -7.59 17.42 9.91
C CYS A 483 -7.49 16.98 8.46
N TYR A 484 -7.69 15.68 8.22
CA TYR A 484 -7.41 15.06 6.93
C TYR A 484 -8.71 14.86 6.16
N PHE A 485 -8.68 15.21 4.89
CA PHE A 485 -9.76 14.86 3.99
C PHE A 485 -9.80 13.34 3.82
N PRO A 486 -10.95 12.70 4.03
CA PRO A 486 -10.95 11.26 4.28
C PRO A 486 -10.63 10.41 3.07
N LEU A 487 -10.98 10.85 1.86
CA LEU A 487 -10.79 10.05 0.66
C LEU A 487 -9.43 10.37 0.04
N GLN A 488 -8.54 9.38 0.02
CA GLN A 488 -7.25 9.53 -0.63
C GLN A 488 -7.27 8.75 -1.92
N SER A 489 -6.97 9.42 -3.02
CA SER A 489 -7.09 8.80 -4.33
C SER A 489 -6.13 7.64 -4.47
N TYR A 490 -6.54 6.62 -5.23
CA TYR A 490 -5.67 5.49 -5.48
C TYR A 490 -4.50 5.87 -6.38
N GLY A 491 -4.77 6.69 -7.39
CA GLY A 491 -3.69 7.12 -8.27
C GLY A 491 -3.06 6.01 -9.06
N PHE A 492 -3.87 5.16 -9.68
CA PHE A 492 -3.34 4.05 -10.45
C PHE A 492 -2.59 4.55 -11.67
N ARG A 493 -1.54 3.84 -12.03
CA ARG A 493 -0.76 4.08 -13.23
C ARG A 493 -0.41 2.75 -13.87
N PRO A 494 -0.32 2.70 -15.20
CA PRO A 494 -0.16 1.39 -15.85
C PRO A 494 1.11 0.66 -15.46
N THR A 495 2.12 1.40 -14.99
CA THR A 495 3.41 0.82 -14.69
C THR A 495 3.61 0.53 -13.22
N TYR A 496 2.59 0.70 -12.38
CA TYR A 496 2.75 0.44 -10.97
C TYR A 496 3.16 -1.01 -10.71
N GLY A 497 3.52 -1.30 -9.47
CA GLY A 497 3.83 -2.67 -9.12
C GLY A 497 2.61 -3.55 -9.25
N VAL A 498 2.84 -4.86 -9.41
CA VAL A 498 1.74 -5.79 -9.64
C VAL A 498 0.77 -5.72 -8.46
N GLY A 499 1.27 -5.45 -7.27
CA GLY A 499 0.39 -5.29 -6.13
C GLY A 499 -0.54 -4.10 -6.25
N HIS A 500 -0.04 -3.00 -6.81
CA HIS A 500 -0.82 -1.76 -6.83
C HIS A 500 -1.58 -1.54 -8.13
N GLN A 501 -1.52 -2.46 -9.08
CA GLN A 501 -2.33 -2.32 -10.28
C GLN A 501 -3.80 -2.54 -9.95
N PRO A 502 -4.70 -1.87 -10.64
CA PRO A 502 -6.10 -1.87 -10.21
C PRO A 502 -6.82 -3.15 -10.55
N TYR A 503 -7.38 -3.79 -9.53
CA TYR A 503 -8.19 -4.99 -9.69
C TYR A 503 -9.64 -4.62 -9.44
N ARG A 504 -10.50 -4.95 -10.40
CA ARG A 504 -11.93 -4.73 -10.25
C ARG A 504 -12.50 -5.93 -9.52
N VAL A 505 -13.03 -5.70 -8.32
CA VAL A 505 -13.54 -6.77 -7.47
C VAL A 505 -15.06 -6.72 -7.50
N VAL A 506 -15.68 -7.84 -7.83
CA VAL A 506 -17.13 -8.01 -7.76
C VAL A 506 -17.42 -9.12 -6.78
N VAL A 507 -18.17 -8.79 -5.73
CA VAL A 507 -18.43 -9.71 -4.63
C VAL A 507 -19.90 -10.09 -4.66
N LEU A 508 -20.18 -11.38 -4.51
CA LEU A 508 -21.53 -11.91 -4.57
C LEU A 508 -21.97 -12.36 -3.19
N SER A 509 -23.24 -12.11 -2.86
CA SER A 509 -23.81 -12.51 -1.57
C SER A 509 -25.20 -13.07 -1.79
N PHE A 510 -25.56 -14.11 -1.05
CA PHE A 510 -26.78 -14.87 -1.28
C PHE A 510 -27.63 -14.89 -0.02
N GLU A 511 -28.90 -14.49 -0.15
CA GLU A 511 -29.72 -14.26 1.04
C GLU A 511 -30.40 -15.52 1.53
N LEU A 512 -31.36 -16.06 0.76
CA LEU A 512 -32.18 -17.19 1.17
C LEU A 512 -33.00 -16.90 2.42
N LEU A 513 -33.80 -15.83 2.38
CA LEU A 513 -34.82 -15.61 3.41
C LEU A 513 -36.17 -16.13 2.93
N HIS A 514 -37.16 -16.10 3.83
CA HIS A 514 -38.44 -16.79 3.56
C HIS A 514 -39.17 -16.03 2.47
N ALA A 515 -38.68 -16.16 1.25
CA ALA A 515 -39.20 -15.43 0.10
C ALA A 515 -39.28 -16.36 -1.09
N PRO A 516 -40.05 -16.00 -2.12
CA PRO A 516 -40.03 -16.79 -3.35
C PRO A 516 -38.63 -16.77 -3.94
N ALA A 517 -37.97 -17.93 -3.89
CA ALA A 517 -36.57 -18.06 -4.27
C ALA A 517 -36.48 -18.06 -5.79
N THR A 518 -36.11 -16.93 -6.37
CA THR A 518 -36.26 -16.69 -7.79
C THR A 518 -34.93 -16.70 -8.57
N VAL A 519 -33.86 -17.22 -7.98
CA VAL A 519 -32.59 -17.39 -8.67
C VAL A 519 -32.21 -18.87 -8.61
N CYS A 520 -32.10 -19.53 -9.76
CA CYS A 520 -31.69 -20.94 -9.76
C CYS A 520 -30.99 -21.42 -10.99
N GLY A 521 -31.11 -22.70 -11.32
CA GLY A 521 -30.48 -23.29 -12.51
C GLY A 521 -31.36 -24.31 -13.23
N GLN B 1 24.22 -9.06 -11.20
CA GLN B 1 24.05 -8.59 -9.83
C GLN B 1 23.34 -7.23 -9.83
N VAL B 2 22.51 -6.99 -8.82
CA VAL B 2 21.69 -5.78 -8.75
C VAL B 2 22.20 -4.90 -7.63
N GLN B 3 22.50 -3.64 -7.96
CA GLN B 3 22.91 -2.65 -6.97
C GLN B 3 22.73 -1.26 -7.56
N LEU B 4 22.31 -0.33 -6.72
CA LEU B 4 22.11 1.05 -7.11
C LEU B 4 23.27 1.89 -6.58
N GLN B 5 23.91 2.64 -7.48
CA GLN B 5 25.05 3.47 -7.14
C GLN B 5 24.60 4.92 -7.16
N GLN B 6 25.26 5.76 -6.36
CA GLN B 6 24.83 7.12 -6.15
C GLN B 6 26.03 8.06 -6.16
N SER B 7 25.76 9.32 -6.47
CA SER B 7 26.81 10.32 -6.53
C SER B 7 27.32 10.67 -5.13
N GLY B 8 28.52 11.23 -5.08
CA GLY B 8 29.12 11.56 -3.80
C GLY B 8 28.43 12.74 -3.14
N ALA B 9 28.77 12.95 -1.87
CA ALA B 9 28.21 14.06 -1.11
C ALA B 9 28.75 15.39 -1.61
N GLU B 10 27.92 16.43 -1.49
CA GLU B 10 28.34 17.78 -1.86
C GLU B 10 27.82 18.77 -0.83
N LEU B 11 28.53 19.90 -0.76
CA LEU B 11 28.18 21.01 0.14
C LEU B 11 27.70 22.16 -0.72
N VAL B 12 26.50 22.65 -0.43
CA VAL B 12 25.88 23.73 -1.19
C VAL B 12 25.41 24.82 -0.24
N ARG B 13 25.73 26.07 -0.57
CA ARG B 13 25.19 27.18 0.18
C ARG B 13 23.68 27.25 -0.03
N PRO B 14 22.94 27.82 0.92
CA PRO B 14 21.49 27.94 0.74
C PRO B 14 21.16 28.62 -0.58
N GLY B 15 20.58 27.84 -1.49
CA GLY B 15 20.36 28.27 -2.85
C GLY B 15 19.38 27.33 -3.52
N SER B 16 19.22 27.53 -4.83
CA SER B 16 18.14 26.84 -5.54
C SER B 16 18.66 25.71 -6.42
N SER B 17 19.98 25.54 -6.51
CA SER B 17 20.58 24.60 -7.44
C SER B 17 21.31 23.49 -6.71
N VAL B 18 20.91 22.24 -6.98
CA VAL B 18 21.64 21.05 -6.56
C VAL B 18 21.10 19.87 -7.33
N LYS B 19 21.99 18.97 -7.75
CA LYS B 19 21.62 17.82 -8.57
C LYS B 19 22.28 16.58 -8.00
N ILE B 20 21.49 15.57 -7.66
CA ILE B 20 21.99 14.32 -7.11
C ILE B 20 21.62 13.18 -8.05
N SER B 21 22.60 12.37 -8.41
CA SER B 21 22.44 11.36 -9.44
C SER B 21 22.44 9.97 -8.80
N CYS B 22 21.58 9.09 -9.32
CA CYS B 22 21.54 7.70 -8.91
C CYS B 22 21.89 6.84 -10.12
N LYS B 23 22.82 5.91 -9.93
CA LYS B 23 23.28 5.02 -10.98
C LYS B 23 22.70 3.63 -10.74
N ALA B 24 22.04 3.08 -11.75
CA ALA B 24 21.39 1.78 -11.67
C ALA B 24 22.14 0.79 -12.55
N SER B 25 22.51 -0.33 -11.98
CA SER B 25 23.29 -1.35 -12.69
C SER B 25 22.71 -2.72 -12.42
N GLY B 26 22.75 -3.58 -13.43
CA GLY B 26 22.35 -4.96 -13.29
C GLY B 26 20.93 -5.29 -13.71
N TYR B 27 20.08 -4.30 -13.93
CA TYR B 27 18.70 -4.57 -14.31
C TYR B 27 18.23 -3.52 -15.31
N ALA B 28 17.16 -3.84 -16.02
CA ALA B 28 16.56 -2.89 -16.93
C ALA B 28 16.06 -1.68 -16.16
N PHE B 29 16.68 -0.53 -16.43
CA PHE B 29 16.45 0.66 -15.62
C PHE B 29 15.00 1.15 -15.75
N SER B 30 14.43 1.07 -16.95
CA SER B 30 13.12 1.68 -17.18
C SER B 30 12.00 0.85 -16.56
N ASN B 31 12.25 -0.43 -16.32
CA ASN B 31 11.17 -1.30 -15.87
C ASN B 31 10.68 -0.94 -14.46
N TYR B 32 11.60 -0.70 -13.54
CA TYR B 32 11.29 -0.63 -12.12
C TYR B 32 11.20 0.82 -11.66
N TRP B 33 10.17 1.11 -10.82
CA TRP B 33 9.99 2.46 -10.31
C TRP B 33 11.22 2.88 -9.52
N MET B 34 11.49 4.18 -9.49
CA MET B 34 12.57 4.75 -8.71
C MET B 34 12.02 5.84 -7.80
N ASN B 35 12.25 5.71 -6.51
CA ASN B 35 11.76 6.65 -5.53
C ASN B 35 12.89 7.04 -4.59
N TRP B 36 12.85 8.29 -4.13
CA TRP B 36 13.89 8.86 -3.30
C TRP B 36 13.41 8.92 -1.86
N VAL B 37 14.29 8.65 -0.92
CA VAL B 37 13.99 8.74 0.50
C VAL B 37 14.98 9.69 1.15
N LYS B 38 14.47 10.64 1.91
CA LYS B 38 15.29 11.62 2.61
C LYS B 38 15.33 11.23 4.08
N GLN B 39 16.52 11.12 4.65
CA GLN B 39 16.70 10.76 6.05
C GLN B 39 17.35 11.91 6.79
N ARG B 40 16.55 12.70 7.48
CA ARG B 40 17.08 13.79 8.26
C ARG B 40 17.95 13.24 9.39
N PRO B 41 18.97 14.00 9.80
CA PRO B 41 19.86 13.51 10.85
C PRO B 41 19.10 13.25 12.14
N GLY B 42 19.25 12.04 12.67
CA GLY B 42 18.55 11.67 13.88
C GLY B 42 17.04 11.74 13.77
N GLU B 43 16.51 11.40 12.60
CA GLU B 43 15.07 11.30 12.42
C GLU B 43 14.77 10.11 11.52
N GLY B 44 13.55 9.59 11.64
CA GLY B 44 13.12 8.54 10.76
C GLY B 44 13.00 9.03 9.33
N LEU B 45 13.26 8.14 8.39
CA LEU B 45 13.30 8.53 6.99
C LEU B 45 11.92 8.93 6.50
N GLU B 46 11.89 9.78 5.48
CA GLU B 46 10.66 10.15 4.82
C GLU B 46 10.84 10.06 3.31
N TRP B 47 9.72 10.02 2.62
CA TRP B 47 9.67 9.70 1.20
C TRP B 47 9.55 11.00 0.40
N ILE B 48 10.46 11.21 -0.54
CA ILE B 48 10.46 12.46 -1.30
C ILE B 48 9.55 12.37 -2.51
N GLY B 49 9.82 11.43 -3.40
CA GLY B 49 9.07 11.37 -4.65
C GLY B 49 9.20 10.01 -5.28
N GLN B 50 8.61 9.88 -6.47
CA GLN B 50 8.65 8.65 -7.23
C GLN B 50 8.71 8.97 -8.71
N ILE B 51 9.69 8.40 -9.40
CA ILE B 51 9.88 8.62 -10.84
C ILE B 51 9.96 7.27 -11.53
N TYR B 52 9.17 7.10 -12.57
CA TYR B 52 9.23 5.87 -13.36
C TYR B 52 10.12 6.10 -14.57
N PRO B 53 11.30 5.48 -14.64
CA PRO B 53 12.22 5.78 -15.75
C PRO B 53 11.66 5.44 -17.13
N GLY B 54 10.65 4.58 -17.19
CA GLY B 54 10.13 4.17 -18.48
C GLY B 54 9.56 5.31 -19.29
N ASP B 55 8.74 6.15 -18.67
CA ASP B 55 8.14 7.28 -19.36
C ASP B 55 8.37 8.61 -18.65
N GLY B 56 9.03 8.61 -17.50
CA GLY B 56 9.26 9.83 -16.78
C GLY B 56 8.13 10.27 -15.87
N ASP B 57 7.18 9.39 -15.58
CA ASP B 57 6.09 9.73 -14.67
C ASP B 57 6.64 10.07 -13.29
N THR B 58 6.04 11.09 -12.65
CA THR B 58 6.53 11.58 -11.37
C THR B 58 5.41 11.64 -10.34
N ASP B 59 5.67 11.08 -9.17
CA ASP B 59 4.84 11.30 -7.99
C ASP B 59 5.72 11.89 -6.91
N TYR B 60 5.19 12.88 -6.18
CA TYR B 60 5.95 13.60 -5.17
C TYR B 60 5.24 13.52 -3.83
N ASN B 61 6.00 13.69 -2.75
CA ASN B 61 5.38 13.90 -1.46
C ASN B 61 4.85 15.31 -1.37
N GLY B 62 3.89 15.52 -0.47
CA GLY B 62 3.20 16.80 -0.43
C GLY B 62 4.12 17.97 -0.14
N LYS B 63 4.99 17.83 0.85
CA LYS B 63 5.83 18.96 1.24
C LYS B 63 6.90 19.25 0.19
N PHE B 64 7.52 18.21 -0.35
CA PHE B 64 8.58 18.42 -1.32
C PHE B 64 8.03 18.74 -2.70
N LYS B 65 6.73 18.55 -2.89
CA LYS B 65 6.13 18.74 -4.21
C LYS B 65 6.37 20.16 -4.71
N GLY B 66 6.78 20.26 -5.98
CA GLY B 66 7.08 21.53 -6.58
C GLY B 66 8.41 22.12 -6.20
N ARG B 67 9.01 21.65 -5.10
CA ARG B 67 10.32 22.10 -4.68
C ARG B 67 11.45 21.23 -5.21
N ALA B 68 11.26 19.91 -5.26
CA ALA B 68 12.25 19.00 -5.80
C ALA B 68 11.72 18.37 -7.07
N THR B 69 12.45 18.51 -8.16
CA THR B 69 12.09 17.92 -9.44
C THR B 69 12.87 16.65 -9.74
N LEU B 70 12.15 15.54 -9.90
CA LEU B 70 12.77 14.25 -10.23
C LEU B 70 12.71 13.87 -11.74
N THR B 71 13.88 13.66 -12.36
CA THR B 71 13.97 13.23 -13.74
C THR B 71 15.08 12.21 -13.94
N ALA B 72 14.91 11.36 -14.94
CA ALA B 72 15.88 10.31 -15.22
C ALA B 72 16.15 10.25 -16.72
N ASP B 73 17.33 9.75 -17.07
CA ASP B 73 17.71 9.52 -18.45
C ASP B 73 17.80 8.03 -18.70
N LYS B 74 17.01 7.55 -19.68
CA LYS B 74 17.04 6.13 -20.00
C LYS B 74 18.36 5.73 -20.61
N SER B 75 18.99 6.62 -21.37
CA SER B 75 20.20 6.26 -22.11
C SER B 75 21.35 5.92 -21.17
N SER B 76 21.64 6.80 -20.22
CA SER B 76 22.73 6.57 -19.27
C SER B 76 22.27 5.86 -18.01
N SER B 77 20.97 5.60 -17.87
CA SER B 77 20.42 4.98 -16.67
C SER B 77 20.79 5.77 -15.42
N THR B 78 20.54 7.07 -15.45
CA THR B 78 20.78 7.95 -14.32
C THR B 78 19.45 8.52 -13.86
N ALA B 79 19.21 8.44 -12.55
CA ALA B 79 18.04 9.05 -11.94
C ALA B 79 18.48 10.24 -11.10
N TYR B 80 17.91 11.41 -11.39
CA TYR B 80 18.35 12.65 -10.79
C TYR B 80 17.31 13.16 -9.81
N MET B 81 17.77 13.94 -8.84
CA MET B 81 16.91 14.78 -8.02
C MET B 81 17.50 16.17 -7.95
N GLN B 82 16.68 17.17 -8.21
CA GLN B 82 17.10 18.57 -8.14
C GLN B 82 16.21 19.30 -7.16
N LEU B 83 16.83 19.95 -6.17
CA LEU B 83 16.08 20.67 -5.14
C LEU B 83 16.33 22.16 -5.29
N SER B 84 15.43 22.96 -4.71
CA SER B 84 15.48 24.40 -4.81
C SER B 84 15.37 25.01 -3.43
N SER B 85 15.89 26.23 -3.30
CA SER B 85 15.81 27.00 -2.06
C SER B 85 16.31 26.18 -0.89
N LEU B 86 17.54 25.70 -1.00
CA LEU B 86 18.09 24.83 0.02
C LEU B 86 18.14 25.52 1.36
N THR B 87 17.67 24.81 2.39
CA THR B 87 17.68 25.31 3.75
C THR B 87 18.40 24.29 4.64
N SER B 88 18.75 24.74 5.84
CA SER B 88 19.49 23.87 6.76
C SER B 88 18.71 22.59 7.05
N GLU B 89 17.39 22.64 6.91
CA GLU B 89 16.59 21.44 7.09
C GLU B 89 16.79 20.45 5.95
N ASP B 90 17.16 20.95 4.77
CA ASP B 90 17.33 20.06 3.63
C ASP B 90 18.56 19.17 3.77
N SER B 91 19.46 19.52 4.70
CA SER B 91 20.65 18.71 4.90
C SER B 91 20.26 17.33 5.42
N ALA B 92 20.34 16.33 4.55
CA ALA B 92 19.96 14.99 4.93
C ALA B 92 20.52 14.01 3.91
N VAL B 93 20.70 12.76 4.34
CA VAL B 93 21.16 11.72 3.45
C VAL B 93 20.03 11.30 2.53
N TYR B 94 20.26 11.42 1.23
CA TYR B 94 19.22 11.15 0.24
C TYR B 94 19.48 9.80 -0.41
N PHE B 95 18.54 8.87 -0.24
CA PHE B 95 18.62 7.55 -0.84
C PHE B 95 17.79 7.54 -2.11
N CYS B 96 18.21 6.75 -3.08
CA CYS B 96 17.35 6.37 -4.19
C CYS B 96 16.95 4.92 -4.01
N ALA B 97 15.65 4.66 -3.96
CA ALA B 97 15.15 3.34 -3.67
C ALA B 97 14.31 2.86 -4.83
N ARG B 98 14.52 1.60 -5.22
CA ARG B 98 13.82 0.99 -6.34
C ARG B 98 12.62 0.23 -5.80
N GLY B 99 11.44 0.81 -5.96
CA GLY B 99 10.23 0.12 -5.54
C GLY B 99 10.06 -1.17 -6.31
N ASP B 100 9.81 -2.24 -5.57
CA ASP B 100 9.66 -3.56 -6.17
C ASP B 100 8.39 -3.63 -7.00
N ASP B 101 8.44 -4.42 -8.06
CA ASP B 101 7.29 -4.65 -8.93
C ASP B 101 6.50 -5.89 -8.56
N GLY B 102 6.86 -6.55 -7.46
CA GLY B 102 6.17 -7.77 -7.09
C GLY B 102 4.81 -7.52 -6.47
N TYR B 103 4.20 -8.61 -6.00
CA TYR B 103 2.89 -8.51 -5.35
C TYR B 103 2.96 -7.58 -4.15
N TYR B 104 3.96 -7.75 -3.31
CA TYR B 104 4.27 -6.72 -2.33
C TYR B 104 5.15 -5.66 -2.98
N VAL B 105 4.87 -4.40 -2.66
CA VAL B 105 5.65 -3.29 -3.21
C VAL B 105 6.48 -2.70 -2.07
N TYR B 106 7.80 -2.71 -2.26
CA TYR B 106 8.70 -2.22 -1.23
C TYR B 106 10.03 -1.84 -1.87
N PHE B 107 10.88 -1.21 -1.07
CA PHE B 107 12.14 -0.65 -1.56
C PHE B 107 13.21 -1.75 -1.55
N ASP B 108 13.17 -2.58 -2.59
CA ASP B 108 14.03 -3.76 -2.60
C ASP B 108 15.50 -3.38 -2.65
N TYR B 109 15.85 -2.34 -3.39
CA TYR B 109 17.24 -1.91 -3.51
C TYR B 109 17.37 -0.42 -3.29
N TRP B 110 18.47 -0.02 -2.65
CA TRP B 110 18.69 1.35 -2.21
C TRP B 110 20.05 1.83 -2.70
N GLY B 111 20.18 3.13 -2.92
CA GLY B 111 21.48 3.72 -3.13
C GLY B 111 22.25 3.84 -1.83
N GLN B 112 23.55 4.11 -1.95
CA GLN B 112 24.36 4.24 -0.74
C GLN B 112 23.99 5.50 0.03
N GLY B 113 23.33 6.44 -0.63
CA GLY B 113 22.90 7.65 0.04
C GLY B 113 23.91 8.78 -0.11
N THR B 114 23.39 9.95 -0.48
CA THR B 114 24.20 11.13 -0.69
C THR B 114 23.90 12.13 0.40
N THR B 115 24.97 12.68 0.99
CA THR B 115 24.84 13.65 2.06
C THR B 115 24.82 15.05 1.48
N LEU B 116 23.73 15.76 1.69
CA LEU B 116 23.58 17.14 1.26
C LEU B 116 23.89 18.05 2.43
N THR B 117 24.76 19.03 2.20
CA THR B 117 25.05 20.06 3.20
C THR B 117 24.56 21.39 2.67
N VAL B 118 23.71 22.05 3.45
CA VAL B 118 23.20 23.37 3.12
C VAL B 118 23.86 24.39 4.04
N SER B 119 24.82 25.13 3.50
CA SER B 119 25.58 26.06 4.31
C SER B 119 26.28 27.09 3.44
N GLU C 1 -2.32 12.37 6.46
CA GLU C 1 -1.15 11.51 6.35
C GLU C 1 -1.20 10.40 7.39
N ILE C 2 -1.03 9.16 6.93
CA ILE C 2 -0.94 8.04 7.86
C ILE C 2 0.34 8.19 8.67
N VAL C 3 0.20 8.08 9.99
CA VAL C 3 1.30 8.35 10.91
C VAL C 3 1.65 7.07 11.63
N LEU C 4 2.92 6.69 11.59
CA LEU C 4 3.40 5.45 12.17
C LEU C 4 4.16 5.74 13.46
N THR C 5 3.88 4.97 14.50
CA THR C 5 4.58 5.05 15.77
C THR C 5 5.13 3.68 16.10
N GLN C 6 6.41 3.61 16.45
CA GLN C 6 7.04 2.36 16.83
C GLN C 6 7.25 2.34 18.33
N SER C 7 6.87 1.24 18.98
CA SER C 7 6.73 1.25 20.44
C SER C 7 8.04 1.55 21.17
N PRO C 8 9.14 0.82 20.95
CA PRO C 8 10.39 1.21 21.61
C PRO C 8 11.20 2.19 20.79
N ALA C 9 11.58 3.34 21.36
CA ALA C 9 12.54 4.19 20.68
C ALA C 9 13.91 3.52 20.63
N LEU C 10 14.33 2.91 21.73
CA LEU C 10 15.47 2.02 21.77
C LEU C 10 15.01 0.74 22.43
N MET C 11 15.80 -0.32 22.34
CA MET C 11 15.49 -1.57 23.00
C MET C 11 16.77 -2.22 23.50
N ALA C 12 16.67 -2.91 24.59
CA ALA C 12 17.77 -3.65 25.18
C ALA C 12 17.47 -5.13 25.08
N ALA C 13 18.40 -5.90 24.53
CA ALA C 13 18.15 -7.30 24.26
C ALA C 13 19.37 -8.14 24.62
N SER C 14 19.16 -9.45 24.67
CA SER C 14 20.19 -10.43 24.96
C SER C 14 20.04 -11.61 24.02
N PRO C 15 21.14 -12.30 23.71
CA PRO C 15 21.05 -13.45 22.80
C PRO C 15 20.15 -14.55 23.36
N GLY C 16 19.45 -15.22 22.46
CA GLY C 16 18.54 -16.28 22.84
C GLY C 16 17.21 -15.79 23.37
N GLU C 17 16.98 -14.49 23.40
CA GLU C 17 15.82 -13.91 24.06
C GLU C 17 14.88 -13.33 23.01
N LYS C 18 13.59 -13.53 23.21
CA LYS C 18 12.61 -12.87 22.37
C LYS C 18 12.57 -11.38 22.68
N VAL C 19 12.53 -10.57 21.62
CA VAL C 19 12.20 -9.16 21.74
C VAL C 19 11.27 -8.81 20.59
N THR C 20 10.33 -7.91 20.87
CA THR C 20 9.29 -7.56 19.92
C THR C 20 9.32 -6.07 19.66
N ILE C 21 9.17 -5.70 18.39
CA ILE C 21 9.15 -4.31 17.97
C ILE C 21 7.76 -4.01 17.43
N THR C 22 7.02 -3.16 18.13
CA THR C 22 5.63 -2.91 17.82
C THR C 22 5.51 -1.62 17.04
N CYS C 23 4.93 -1.71 15.85
CA CYS C 23 4.71 -0.57 14.97
C CYS C 23 3.22 -0.28 14.92
N SER C 24 2.80 0.76 15.64
CA SER C 24 1.39 1.10 15.78
C SER C 24 1.01 2.15 14.76
N VAL C 25 -0.01 1.86 13.97
CA VAL C 25 -0.42 2.71 12.86
C VAL C 25 -1.71 3.42 13.27
N SER C 26 -1.81 4.71 12.94
CA SER C 26 -3.00 5.46 13.29
C SER C 26 -4.24 4.86 12.65
N SER C 27 -4.20 4.63 11.34
CA SER C 27 -5.33 4.11 10.59
C SER C 27 -4.94 2.76 10.00
N SER C 28 -5.82 1.77 10.14
CA SER C 28 -5.46 0.42 9.78
C SER C 28 -5.04 0.35 8.31
N ILE C 29 -3.99 -0.43 8.05
CA ILE C 29 -3.41 -0.59 6.73
C ILE C 29 -3.31 -2.07 6.42
N GLY C 30 -3.41 -2.42 5.14
CA GLY C 30 -3.25 -3.80 4.77
C GLY C 30 -1.88 -4.33 5.12
N SER C 31 -1.85 -5.55 5.68
CA SER C 31 -0.57 -6.14 6.04
C SER C 31 0.34 -6.27 4.83
N ASN C 32 -0.23 -6.45 3.64
CA ASN C 32 0.58 -6.51 2.45
C ASN C 32 1.24 -5.17 2.14
N ASN C 33 0.72 -4.10 2.74
CA ASN C 33 1.27 -2.77 2.50
C ASN C 33 2.06 -2.22 3.67
N LEU C 34 2.51 -3.08 4.59
CA LEU C 34 3.44 -2.69 5.63
C LEU C 34 4.71 -3.53 5.52
N HIS C 35 5.86 -2.89 5.60
CA HIS C 35 7.14 -3.56 5.46
C HIS C 35 8.10 -3.05 6.53
N TRP C 36 9.09 -3.86 6.85
CA TRP C 36 10.11 -3.51 7.82
C TRP C 36 11.47 -3.50 7.16
N TYR C 37 12.23 -2.42 7.37
CA TYR C 37 13.59 -2.31 6.86
C TYR C 37 14.57 -2.23 8.00
N GLN C 38 15.71 -2.88 7.83
CA GLN C 38 16.79 -2.85 8.80
C GLN C 38 17.84 -1.85 8.36
N GLN C 39 18.05 -0.83 9.17
CA GLN C 39 19.12 0.13 8.92
C GLN C 39 20.15 0.01 10.02
N LYS C 40 21.24 -0.69 9.74
CA LYS C 40 22.38 -0.62 10.63
C LYS C 40 22.98 0.77 10.56
N SER C 41 23.79 1.12 11.55
CA SER C 41 24.24 2.49 11.68
C SER C 41 24.96 2.96 10.42
N GLU C 42 24.51 4.10 9.89
CA GLU C 42 25.17 4.79 8.79
C GLU C 42 25.34 3.92 7.56
N THR C 43 24.34 3.08 7.27
CA THR C 43 24.35 2.29 6.04
C THR C 43 22.99 2.41 5.37
N SER C 44 22.95 2.05 4.09
CA SER C 44 21.70 2.05 3.37
C SER C 44 20.78 0.98 3.92
N PRO C 45 19.55 1.33 4.29
CA PRO C 45 18.61 0.32 4.77
C PRO C 45 18.33 -0.72 3.69
N LYS C 46 18.19 -1.97 4.11
CA LYS C 46 17.81 -3.06 3.22
C LYS C 46 16.48 -3.63 3.68
N PRO C 47 15.64 -4.09 2.78
CA PRO C 47 14.36 -4.66 3.20
C PRO C 47 14.60 -5.87 4.08
N TRP C 48 13.79 -5.99 5.12
CA TRP C 48 13.93 -7.07 6.08
C TRP C 48 12.70 -7.95 6.17
N ILE C 49 11.54 -7.34 6.34
CA ILE C 49 10.28 -8.05 6.25
C ILE C 49 9.39 -7.24 5.34
N TYR C 50 8.83 -7.89 4.34
CA TYR C 50 7.87 -7.24 3.45
C TYR C 50 6.55 -8.00 3.54
N GLY C 51 5.47 -7.26 3.71
CA GLY C 51 4.17 -7.87 3.86
C GLY C 51 3.83 -8.35 5.25
N THR C 52 4.65 -8.04 6.24
CA THR C 52 4.48 -8.32 7.67
C THR C 52 4.78 -9.77 8.02
N SER C 53 5.08 -10.62 7.04
CA SER C 53 5.50 -11.98 7.34
C SER C 53 6.54 -12.51 6.39
N ASN C 54 6.69 -11.94 5.20
CA ASN C 54 7.52 -12.52 4.16
C ASN C 54 8.89 -11.86 4.21
N LEU C 55 9.87 -12.57 4.72
CA LEU C 55 11.21 -12.04 4.83
C LEU C 55 11.80 -11.79 3.45
N ALA C 56 12.70 -10.83 3.36
CA ALA C 56 13.36 -10.56 2.09
C ALA C 56 14.54 -11.49 1.91
N SER C 57 15.25 -11.31 0.79
CA SER C 57 16.38 -12.17 0.48
C SER C 57 17.48 -12.00 1.51
N GLY C 58 18.05 -13.13 1.93
CA GLY C 58 19.13 -13.12 2.88
C GLY C 58 18.72 -12.89 4.32
N VAL C 59 17.43 -12.81 4.60
CA VAL C 59 16.98 -12.53 5.97
C VAL C 59 17.12 -13.79 6.81
N PRO C 60 17.64 -13.69 8.02
CA PRO C 60 17.73 -14.88 8.88
C PRO C 60 16.36 -15.42 9.24
N VAL C 61 16.33 -16.73 9.49
CA VAL C 61 15.05 -17.42 9.72
C VAL C 61 14.46 -17.02 11.06
N ARG C 62 15.26 -16.42 11.94
CA ARG C 62 14.76 -16.00 13.24
C ARG C 62 13.69 -14.93 13.12
N PHE C 63 13.87 -13.99 12.19
CA PHE C 63 12.95 -12.87 12.04
C PHE C 63 11.61 -13.34 11.52
N SER C 64 10.54 -12.76 12.06
CA SER C 64 9.19 -13.05 11.64
C SER C 64 8.27 -11.95 12.14
N GLY C 65 7.67 -11.21 11.21
CA GLY C 65 6.71 -10.20 11.60
C GLY C 65 5.38 -10.80 11.99
N SER C 66 4.48 -9.96 12.44
CA SER C 66 3.16 -10.42 12.84
C SER C 66 2.17 -9.28 12.65
N GLY C 67 0.96 -9.50 13.14
CA GLY C 67 0.01 -8.43 13.31
C GLY C 67 -0.71 -8.06 12.03
N SER C 68 -1.82 -7.36 12.19
CA SER C 68 -2.62 -6.89 11.07
C SER C 68 -3.62 -5.86 11.60
N GLY C 69 -4.12 -5.05 10.70
CA GLY C 69 -5.03 -4.00 11.12
C GLY C 69 -4.27 -2.72 11.43
N THR C 70 -4.33 -2.29 12.68
CA THR C 70 -3.61 -1.08 13.07
C THR C 70 -2.25 -1.42 13.67
N SER C 71 -2.18 -2.45 14.51
CA SER C 71 -0.99 -2.74 15.28
C SER C 71 -0.16 -3.80 14.57
N TYR C 72 1.08 -3.46 14.24
CA TYR C 72 1.98 -4.34 13.53
C TYR C 72 3.21 -4.59 14.38
N SER C 73 3.67 -5.83 14.43
CA SER C 73 4.73 -6.22 15.34
C SER C 73 5.81 -7.00 14.60
N LEU C 74 7.05 -6.73 14.95
CA LEU C 74 8.19 -7.51 14.49
C LEU C 74 8.81 -8.17 15.71
N THR C 75 9.19 -9.44 15.56
CA THR C 75 9.71 -10.20 16.67
C THR C 75 10.89 -11.04 16.24
N ILE C 76 11.95 -11.03 17.05
CA ILE C 76 13.10 -11.89 16.85
C ILE C 76 13.15 -12.86 18.01
N SER C 77 13.11 -14.15 17.71
CA SER C 77 13.14 -15.16 18.77
C SER C 77 14.43 -15.05 19.58
N THR C 78 15.57 -14.99 18.90
CA THR C 78 16.86 -14.86 19.53
C THR C 78 17.59 -13.66 18.93
N MET C 79 18.28 -12.92 19.78
CA MET C 79 18.88 -11.65 19.38
C MET C 79 20.39 -11.83 19.24
N GLU C 80 20.84 -12.08 18.02
CA GLU C 80 22.28 -12.13 17.80
C GLU C 80 22.84 -10.72 17.69
N ALA C 81 24.14 -10.59 17.97
CA ALA C 81 24.79 -9.30 17.89
C ALA C 81 24.64 -8.69 16.49
N GLU C 82 24.48 -9.54 15.48
CA GLU C 82 24.21 -9.03 14.15
C GLU C 82 22.83 -8.39 14.06
N ASP C 83 21.92 -8.77 14.97
CA ASP C 83 20.54 -8.29 14.85
C ASP C 83 20.40 -6.83 15.29
N ALA C 84 21.40 -6.30 15.99
CA ALA C 84 21.33 -4.93 16.47
C ALA C 84 21.30 -3.95 15.31
N ALA C 85 20.22 -3.18 15.23
CA ALA C 85 20.03 -2.24 14.14
C ALA C 85 18.88 -1.32 14.50
N THR C 86 18.48 -0.50 13.55
CA THR C 86 17.29 0.32 13.65
C THR C 86 16.30 -0.15 12.59
N TYR C 87 15.09 -0.47 13.00
CA TYR C 87 14.10 -1.08 12.11
C TYR C 87 12.97 -0.11 11.86
N TYR C 88 12.69 0.16 10.58
CA TYR C 88 11.74 1.17 10.16
C TYR C 88 10.55 0.53 9.49
N CYS C 89 9.42 0.43 10.18
CA CYS C 89 8.22 -0.06 9.52
C CYS C 89 7.71 0.98 8.55
N GLN C 90 7.29 0.54 7.38
CA GLN C 90 6.78 1.43 6.36
C GLN C 90 5.35 1.04 6.04
N GLN C 91 4.60 2.00 5.53
CA GLN C 91 3.26 1.74 5.02
C GLN C 91 3.20 2.25 3.60
N TRP C 92 2.51 1.52 2.73
CA TRP C 92 2.27 1.99 1.39
C TRP C 92 0.79 2.12 1.06
N SER C 93 -0.09 1.76 1.98
CA SER C 93 -1.51 1.86 1.70
C SER C 93 -1.91 3.31 1.44
N GLY C 94 -1.56 4.22 2.35
CA GLY C 94 -1.79 5.64 2.18
C GLY C 94 -0.59 6.26 1.49
N TYR C 95 -0.84 6.96 0.40
CA TYR C 95 0.22 7.19 -0.57
C TYR C 95 1.44 7.92 -0.04
N PRO C 96 1.33 9.02 0.71
CA PRO C 96 2.56 9.64 1.20
C PRO C 96 3.23 8.74 2.23
N LEU C 97 4.31 8.10 1.81
CA LEU C 97 4.90 6.98 2.51
C LEU C 97 5.50 7.48 3.81
N THR C 98 5.13 6.86 4.92
CA THR C 98 5.54 7.33 6.24
C THR C 98 6.27 6.23 6.96
N PHE C 99 7.59 6.33 7.01
CA PHE C 99 8.37 5.39 7.78
C PHE C 99 8.16 5.63 9.26
N GLY C 100 8.34 4.58 10.04
CA GLY C 100 8.23 4.72 11.48
C GLY C 100 9.38 5.53 12.05
N GLY C 101 9.21 5.94 13.30
CA GLY C 101 10.26 6.68 13.98
C GLY C 101 11.52 5.85 14.18
N GLY C 102 11.39 4.54 14.06
CA GLY C 102 12.53 3.65 14.20
C GLY C 102 12.68 3.15 15.63
N THR C 103 13.15 1.91 15.75
CA THR C 103 13.40 1.28 17.03
C THR C 103 14.85 0.84 17.09
N LYS C 104 15.68 1.61 17.76
CA LYS C 104 17.11 1.38 17.77
C LYS C 104 17.40 0.21 18.70
N LEU C 105 17.56 -0.98 18.12
CA LEU C 105 17.75 -2.21 18.86
C LEU C 105 19.21 -2.30 19.28
N GLU C 106 19.45 -2.45 20.58
CA GLU C 106 20.79 -2.55 21.12
C GLU C 106 20.84 -3.71 22.11
N ILE C 107 22.04 -4.29 22.26
CA ILE C 107 22.20 -5.43 23.15
C ILE C 107 22.33 -4.95 24.59
N LYS C 108 21.82 -5.74 25.53
CA LYS C 108 21.98 -5.44 26.94
C LYS C 108 23.44 -5.49 27.37
#